data_3M0D
#
_entry.id   3M0D
#
_cell.length_a   91.867
_cell.length_b   91.867
_cell.length_c   88.702
_cell.angle_alpha   90.000
_cell.angle_beta   90.000
_cell.angle_gamma   90.000
#
_symmetry.space_group_name_H-M   'I 41'
#
loop_
_entity.id
_entity.type
_entity.pdbx_description
1 polymer 'TNF receptor-associated factor 2'
2 polymer 'TNF receptor-associated factor 1'
3 polymer 'Baculoviral IAP repeat-containing protein 3'
4 non-polymer 'ZINC ION'
5 water water
#
loop_
_entity_poly.entity_id
_entity_poly.type
_entity_poly.pdbx_seq_one_letter_code
_entity_poly.pdbx_strand_id
1 'polypeptide(L)' SELLQRCESLEKKTATFENIVCVLNREVERVAMTAEACSRQHRLDQDKIEALSSKVQQLERSIGLE A,B
2 'polypeptide(L)' MFMKEKLLAELEGKLRVFENIVAVLNKEVEASHLALATSIHQSQLDRERILSLEQRVVELQQTLA C
3 'polypeptide(L)' MLSCELYRMSTYSTFPAGVPVSERSLARAGFYYTGVNDKVKCFCCGLMLDNWKRGDSPTEKHKKLYPSCRFVQSL D
#
# COMPACT_ATOMS: atom_id res chain seq x y z
N GLU A 2 -31.87 -27.15 9.65
CA GLU A 2 -31.36 -26.01 10.38
C GLU A 2 -29.86 -26.10 10.60
N LEU A 3 -29.45 -26.75 11.69
CA LEU A 3 -28.05 -26.72 12.10
C LEU A 3 -27.11 -27.47 11.16
N LEU A 4 -27.66 -28.47 10.48
CA LEU A 4 -26.88 -29.25 9.54
C LEU A 4 -26.51 -28.40 8.33
N GLN A 5 -27.51 -27.75 7.75
CA GLN A 5 -27.27 -26.92 6.58
C GLN A 5 -26.47 -25.64 6.91
N ARG A 6 -26.61 -25.15 8.14
CA ARG A 6 -25.84 -24.00 8.60
C ARG A 6 -24.38 -24.35 8.61
N CYS A 7 -24.06 -25.48 9.22
CA CYS A 7 -22.70 -25.97 9.28
C CYS A 7 -22.12 -26.31 7.89
N GLU A 8 -22.91 -26.95 7.04
CA GLU A 8 -22.46 -27.26 5.68
C GLU A 8 -22.11 -25.98 4.89
N SER A 9 -22.97 -24.96 5.04
CA SER A 9 -22.82 -23.67 4.38
C SER A 9 -21.58 -22.92 4.83
N LEU A 10 -21.34 -22.96 6.13
CA LEU A 10 -20.27 -22.23 6.76
C LEU A 10 -18.95 -22.89 6.42
N GLU A 11 -18.99 -24.20 6.23
CA GLU A 11 -17.82 -24.98 5.84
C GLU A 11 -17.35 -24.60 4.44
N LYS A 12 -18.29 -24.12 3.64
CA LYS A 12 -18.00 -23.58 2.32
C LYS A 12 -17.45 -22.17 2.45
N LYS A 13 -18.22 -21.25 3.03
CA LYS A 13 -17.74 -19.87 3.23
C LYS A 13 -16.36 -19.87 3.90
N THR A 14 -16.14 -20.83 4.78
CA THR A 14 -14.88 -20.97 5.48
C THR A 14 -13.74 -21.32 4.52
N ALA A 15 -14.01 -22.26 3.60
CA ALA A 15 -13.02 -22.68 2.62
C ALA A 15 -12.75 -21.55 1.64
N THR A 16 -13.82 -20.90 1.16
CA THR A 16 -13.72 -19.63 0.42
C THR A 16 -12.74 -18.62 1.05
N PHE A 17 -12.89 -18.38 2.35
CA PHE A 17 -12.04 -17.43 3.04
C PHE A 17 -10.59 -17.86 2.98
N GLU A 18 -10.35 -19.12 3.34
CA GLU A 18 -9.03 -19.72 3.21
C GLU A 18 -8.40 -19.51 1.82
N ASN A 19 -9.20 -19.58 0.76
CA ASN A 19 -8.67 -19.40 -0.60
C ASN A 19 -8.18 -17.98 -0.86
N ILE A 20 -9.05 -17.00 -0.61
CA ILE A 20 -8.66 -15.60 -0.69
C ILE A 20 -7.34 -15.33 0.05
N VAL A 21 -7.29 -15.75 1.30
CA VAL A 21 -6.14 -15.46 2.13
C VAL A 21 -4.88 -16.10 1.56
N CYS A 22 -5.04 -17.30 1.02
CA CYS A 22 -3.95 -18.00 0.35
C CYS A 22 -3.26 -17.11 -0.68
N VAL A 23 -4.07 -16.59 -1.62
CA VAL A 23 -3.60 -15.77 -2.74
C VAL A 23 -3.05 -14.42 -2.28
N LEU A 24 -3.76 -13.78 -1.36
CA LEU A 24 -3.30 -12.52 -0.81
C LEU A 24 -1.89 -12.66 -0.28
N ASN A 25 -1.66 -13.67 0.55
CA ASN A 25 -0.34 -13.90 1.09
C ASN A 25 0.73 -14.05 0.02
N ARG A 26 0.41 -14.82 -1.01
CA ARG A 26 1.34 -15.04 -2.10
C ARG A 26 1.72 -13.69 -2.70
N GLU A 27 0.74 -12.81 -2.93
CA GLU A 27 1.02 -11.53 -3.57
C GLU A 27 1.83 -10.58 -2.70
N VAL A 28 1.52 -10.55 -1.41
CA VAL A 28 2.36 -9.81 -0.47
C VAL A 28 3.82 -10.23 -0.65
N GLU A 29 4.05 -11.54 -0.73
CA GLU A 29 5.39 -12.07 -0.94
C GLU A 29 6.02 -11.60 -2.26
N ARG A 30 5.24 -11.59 -3.34
CA ARG A 30 5.78 -11.12 -4.61
C ARG A 30 6.07 -9.61 -4.57
N VAL A 31 5.22 -8.85 -3.88
CA VAL A 31 5.45 -7.41 -3.72
C VAL A 31 6.69 -7.17 -2.85
N ALA A 32 6.79 -7.92 -1.76
CA ALA A 32 7.94 -7.81 -0.89
C ALA A 32 9.24 -8.09 -1.66
N MET A 33 9.19 -9.06 -2.57
CA MET A 33 10.37 -9.47 -3.34
C MET A 33 10.75 -8.45 -4.41
N THR A 34 9.75 -7.92 -5.11
CA THR A 34 10.04 -6.95 -6.16
C THR A 34 10.36 -5.56 -5.58
N ALA A 35 10.04 -5.34 -4.30
CA ALA A 35 10.56 -4.16 -3.59
C ALA A 35 12.04 -4.32 -3.15
N GLU A 36 12.40 -5.52 -2.69
CA GLU A 36 13.80 -5.85 -2.40
C GLU A 36 14.64 -5.63 -3.66
N ALA A 37 14.12 -6.09 -4.80
CA ALA A 37 14.85 -5.96 -6.06
C ALA A 37 14.89 -4.51 -6.55
N CYS A 38 13.76 -3.82 -6.42
CA CYS A 38 13.71 -2.43 -6.81
C CYS A 38 14.82 -1.68 -6.07
N SER A 39 14.94 -1.95 -4.77
CA SER A 39 15.95 -1.31 -3.91
C SER A 39 17.39 -1.83 -4.06
N ARG A 40 17.55 -3.01 -4.65
CA ARG A 40 18.86 -3.48 -5.05
C ARG A 40 19.35 -2.69 -6.29
N GLN A 41 18.45 -2.44 -7.23
CA GLN A 41 18.80 -1.68 -8.44
C GLN A 41 19.14 -0.24 -8.11
N HIS A 42 18.33 0.35 -7.24
CA HIS A 42 18.62 1.68 -6.76
C HIS A 42 20.03 1.76 -6.15
N ARG A 43 20.42 0.75 -5.40
CA ARG A 43 21.74 0.74 -4.77
C ARG A 43 22.83 0.76 -5.85
N LEU A 44 22.53 0.17 -7.00
CA LEU A 44 23.49 0.04 -8.10
C LEU A 44 23.60 1.30 -8.95
N ASP A 45 22.52 2.05 -9.02
CA ASP A 45 22.48 3.28 -9.81
C ASP A 45 22.91 4.46 -8.96
N GLN A 46 22.63 4.39 -7.66
CA GLN A 46 23.03 5.42 -6.72
C GLN A 46 24.54 5.56 -6.68
N ASP A 47 25.23 4.45 -6.92
CA ASP A 47 26.69 4.40 -6.93
C ASP A 47 27.26 4.89 -8.29
N LYS A 48 26.45 4.74 -9.34
CA LYS A 48 26.76 5.24 -10.68
C LYS A 48 26.55 6.75 -10.75
N ILE A 49 25.44 7.21 -10.18
CA ILE A 49 25.20 8.63 -9.99
C ILE A 49 26.32 9.31 -9.21
N GLU A 50 26.70 8.74 -8.08
CA GLU A 50 27.73 9.35 -7.26
C GLU A 50 28.99 9.47 -8.09
N ALA A 51 29.23 8.48 -8.94
CA ALA A 51 30.42 8.44 -9.76
C ALA A 51 30.36 9.52 -10.84
N LEU A 52 29.18 9.69 -11.43
CA LEU A 52 28.97 10.80 -12.34
C LEU A 52 29.11 12.16 -11.66
N SER A 53 28.40 12.38 -10.56
CA SER A 53 28.45 13.67 -9.88
C SER A 53 29.88 13.99 -9.48
N SER A 54 30.66 12.95 -9.22
CA SER A 54 32.04 13.11 -8.83
C SER A 54 32.87 13.54 -10.04
N LYS A 55 32.60 12.93 -11.20
CA LYS A 55 33.34 13.27 -12.42
C LYS A 55 32.91 14.61 -13.00
N VAL A 56 31.68 15.02 -12.72
CA VAL A 56 31.19 16.31 -13.21
C VAL A 56 31.75 17.46 -12.38
N GLN A 57 31.88 17.27 -11.07
CA GLN A 57 32.53 18.27 -10.23
C GLN A 57 33.99 18.49 -10.63
N GLN A 58 34.76 17.40 -10.78
CA GLN A 58 36.16 17.49 -11.21
C GLN A 58 36.32 18.34 -12.47
N LEU A 59 35.43 18.12 -13.45
CA LEU A 59 35.41 18.88 -14.70
C LEU A 59 35.12 20.37 -14.51
N GLU A 60 34.00 20.66 -13.85
CA GLU A 60 33.63 22.04 -13.56
C GLU A 60 34.78 22.84 -12.92
N ARG A 61 35.47 22.24 -11.95
CA ARG A 61 36.61 22.85 -11.29
C ARG A 61 37.71 23.11 -12.30
N SER A 62 37.86 22.20 -13.26
CA SER A 62 38.89 22.28 -14.28
C SER A 62 38.82 23.54 -15.13
N ILE A 63 37.64 24.16 -15.22
CA ILE A 63 37.45 25.26 -16.14
C ILE A 63 36.80 26.50 -15.50
N GLY A 64 36.53 26.43 -14.20
CA GLY A 64 35.66 27.41 -13.55
C GLY A 64 34.19 27.03 -13.76
N GLU B 2 -18.94 -36.84 13.46
CA GLU B 2 -19.82 -36.23 12.46
C GLU B 2 -20.07 -34.75 12.72
N LEU B 3 -21.32 -34.39 12.98
CA LEU B 3 -21.69 -32.98 13.12
C LEU B 3 -21.22 -32.25 14.39
N LEU B 4 -21.12 -32.94 15.52
CA LEU B 4 -20.66 -32.25 16.71
C LEU B 4 -19.18 -31.83 16.55
N GLN B 5 -18.39 -32.72 15.96
CA GLN B 5 -16.96 -32.48 15.77
C GLN B 5 -16.75 -31.45 14.65
N ARG B 6 -17.63 -31.47 13.64
CA ARG B 6 -17.57 -30.50 12.55
C ARG B 6 -17.72 -29.05 13.04
N CYS B 7 -18.81 -28.79 13.76
CA CYS B 7 -18.96 -27.56 14.52
C CYS B 7 -17.74 -27.16 15.37
N GLU B 8 -17.12 -28.11 16.07
CA GLU B 8 -16.01 -27.77 16.96
C GLU B 8 -14.81 -27.29 16.12
N SER B 9 -14.60 -27.99 15.00
CA SER B 9 -13.58 -27.62 14.02
C SER B 9 -13.76 -26.18 13.54
N LEU B 10 -15.00 -25.80 13.30
CA LEU B 10 -15.37 -24.44 12.86
C LEU B 10 -15.07 -23.30 13.86
N GLU B 11 -15.62 -23.39 15.07
CA GLU B 11 -15.34 -22.37 16.09
C GLU B 11 -13.85 -22.31 16.45
N LYS B 12 -13.12 -23.37 16.14
CA LYS B 12 -11.67 -23.37 16.29
C LYS B 12 -11.00 -22.64 15.14
N LYS B 13 -11.58 -22.79 13.95
CA LYS B 13 -11.02 -22.26 12.72
C LYS B 13 -11.16 -20.74 12.73
N THR B 14 -12.39 -20.29 12.96
CA THR B 14 -12.67 -18.86 12.96
C THR B 14 -11.99 -18.14 14.13
N ALA B 15 -11.73 -18.87 15.21
CA ALA B 15 -10.96 -18.32 16.30
C ALA B 15 -9.60 -17.93 15.76
N THR B 16 -8.99 -18.83 15.01
CA THR B 16 -7.65 -18.61 14.46
C THR B 16 -7.68 -17.59 13.34
N PHE B 17 -8.84 -17.43 12.71
CA PHE B 17 -8.98 -16.49 11.62
C PHE B 17 -8.71 -15.07 12.04
N GLU B 18 -9.03 -14.75 13.29
CA GLU B 18 -8.78 -13.40 13.82
C GLU B 18 -7.32 -13.02 13.78
N ASN B 19 -6.45 -13.91 14.28
CA ASN B 19 -5.03 -13.60 14.31
C ASN B 19 -4.39 -13.59 12.92
N ILE B 20 -4.90 -14.45 12.04
CA ILE B 20 -4.51 -14.41 10.64
C ILE B 20 -4.72 -13.02 10.04
N VAL B 21 -5.96 -12.53 10.12
CA VAL B 21 -6.29 -11.20 9.63
C VAL B 21 -5.43 -10.13 10.29
N CYS B 22 -5.24 -10.27 11.60
CA CYS B 22 -4.51 -9.28 12.37
C CYS B 22 -3.06 -9.18 11.92
N VAL B 23 -2.47 -10.33 11.65
CA VAL B 23 -1.13 -10.38 11.07
C VAL B 23 -1.07 -9.81 9.64
N LEU B 24 -1.95 -10.28 8.76
CA LEU B 24 -2.01 -9.80 7.38
C LEU B 24 -2.12 -8.30 7.33
N ASN B 25 -2.96 -7.77 8.21
CA ASN B 25 -3.13 -6.33 8.27
C ASN B 25 -1.80 -5.61 8.54
N ARG B 26 -1.00 -6.14 9.46
CA ARG B 26 0.34 -5.62 9.69
C ARG B 26 1.21 -5.79 8.45
N GLU B 27 1.27 -7.01 7.92
CA GLU B 27 2.13 -7.28 6.78
C GLU B 27 1.79 -6.44 5.54
N VAL B 28 0.50 -6.26 5.27
CA VAL B 28 0.08 -5.44 4.13
C VAL B 28 0.42 -3.96 4.33
N GLU B 29 0.12 -3.44 5.52
CA GLU B 29 0.55 -2.08 5.86
C GLU B 29 2.07 -1.90 5.68
N ARG B 30 2.85 -2.86 6.18
CA ARG B 30 4.30 -2.80 6.13
C ARG B 30 4.78 -2.81 4.68
N VAL B 31 4.24 -3.70 3.88
CA VAL B 31 4.63 -3.79 2.48
C VAL B 31 4.26 -2.54 1.70
N ALA B 32 3.03 -2.05 1.87
CA ALA B 32 2.61 -0.79 1.28
C ALA B 32 3.62 0.32 1.57
N MET B 33 4.00 0.39 2.84
CA MET B 33 5.03 1.26 3.38
C MET B 33 6.31 1.20 2.56
N THR B 34 6.81 -0.02 2.39
CA THR B 34 8.05 -0.29 1.69
C THR B 34 7.98 0.20 0.27
N ALA B 35 6.93 -0.23 -0.43
CA ALA B 35 6.72 0.16 -1.82
C ALA B 35 6.68 1.68 -1.92
N GLU B 36 5.91 2.32 -1.04
CA GLU B 36 5.91 3.77 -0.99
C GLU B 36 7.35 4.33 -0.92
N ALA B 37 8.13 3.83 0.03
CA ALA B 37 9.50 4.28 0.23
C ALA B 37 10.40 3.95 -0.98
N CYS B 38 9.96 2.98 -1.77
CA CYS B 38 10.67 2.68 -2.99
C CYS B 38 10.42 3.77 -4.02
N SER B 39 9.14 4.09 -4.22
CA SER B 39 8.76 5.18 -5.12
C SER B 39 9.48 6.46 -4.74
N ARG B 40 9.44 6.81 -3.46
CA ARG B 40 10.06 8.02 -2.98
C ARG B 40 11.53 8.07 -3.35
N GLN B 41 12.23 6.99 -3.01
CA GLN B 41 13.65 6.89 -3.28
C GLN B 41 13.94 7.07 -4.77
N HIS B 42 13.15 6.42 -5.61
CA HIS B 42 13.26 6.60 -7.04
C HIS B 42 13.12 8.07 -7.41
N ARG B 43 12.07 8.74 -6.93
CA ARG B 43 11.86 10.13 -7.31
C ARG B 43 13.06 11.02 -7.00
N LEU B 44 13.75 10.76 -5.89
CA LEU B 44 14.97 11.48 -5.54
C LEU B 44 16.11 11.25 -6.52
N ASP B 45 16.19 10.03 -7.06
CA ASP B 45 17.23 9.66 -8.02
C ASP B 45 17.02 10.42 -9.31
N GLN B 46 15.78 10.39 -9.79
CA GLN B 46 15.41 11.03 -11.04
C GLN B 46 15.79 12.49 -10.98
N ASP B 47 15.56 13.07 -9.82
CA ASP B 47 15.88 14.47 -9.59
C ASP B 47 17.38 14.70 -9.64
N LYS B 48 18.14 13.76 -9.08
CA LYS B 48 19.58 13.73 -9.20
C LYS B 48 20.05 13.57 -10.66
N ILE B 49 19.31 12.80 -11.46
CA ILE B 49 19.67 12.61 -12.86
C ILE B 49 19.41 13.88 -13.65
N GLU B 50 18.23 14.47 -13.43
CA GLU B 50 17.88 15.75 -14.04
C GLU B 50 18.99 16.80 -13.80
N ALA B 51 19.52 16.81 -12.59
CA ALA B 51 20.53 17.76 -12.17
C ALA B 51 21.86 17.50 -12.87
N LEU B 52 22.27 16.24 -12.87
CA LEU B 52 23.49 15.82 -13.54
C LEU B 52 23.34 16.06 -15.03
N SER B 53 22.11 15.98 -15.52
CA SER B 53 21.86 16.12 -16.93
C SER B 53 22.01 17.59 -17.30
N SER B 54 21.46 18.45 -16.44
CA SER B 54 21.58 19.90 -16.58
C SER B 54 23.03 20.35 -16.65
N LYS B 55 23.82 19.85 -15.71
CA LYS B 55 25.21 20.20 -15.59
C LYS B 55 26.04 19.78 -16.80
N VAL B 56 25.80 18.59 -17.34
CA VAL B 56 26.51 18.17 -18.56
C VAL B 56 26.10 18.93 -19.82
N GLN B 57 24.91 19.51 -19.85
CA GLN B 57 24.55 20.32 -21.00
C GLN B 57 25.36 21.61 -20.91
N GLN B 58 25.54 22.09 -19.69
CA GLN B 58 26.27 23.32 -19.45
C GLN B 58 27.74 23.18 -19.81
N LEU B 59 28.35 22.08 -19.40
CA LEU B 59 29.74 21.78 -19.77
C LEU B 59 29.91 21.67 -21.27
N GLU B 60 29.01 20.94 -21.92
CA GLU B 60 29.03 20.81 -23.38
C GLU B 60 28.93 22.16 -24.09
N ARG B 61 28.13 23.07 -23.56
CA ARG B 61 28.05 24.43 -24.08
C ARG B 61 29.28 25.26 -23.71
N SER B 62 29.91 24.94 -22.58
CA SER B 62 31.13 25.66 -22.20
C SER B 62 32.36 25.16 -22.95
N ILE B 63 32.23 23.96 -23.53
CA ILE B 63 33.30 23.34 -24.32
C ILE B 63 32.96 23.09 -25.80
N GLY B 64 32.37 21.94 -26.08
CA GLY B 64 31.99 21.58 -27.44
C GLY B 64 32.21 20.13 -27.75
N PHE C 2 -31.93 -23.85 21.75
CA PHE C 2 -31.04 -24.05 20.62
C PHE C 2 -29.92 -22.99 20.57
N MET C 3 -28.78 -23.29 21.18
CA MET C 3 -27.68 -22.33 21.25
C MET C 3 -26.52 -22.62 20.31
N LYS C 4 -26.42 -23.84 19.81
CA LYS C 4 -25.40 -24.09 18.78
C LYS C 4 -25.74 -23.42 17.45
N GLU C 5 -27.01 -23.19 17.15
CA GLU C 5 -27.33 -22.47 15.93
C GLU C 5 -27.01 -20.97 16.10
N LYS C 6 -26.95 -20.55 17.35
CA LYS C 6 -26.64 -19.16 17.70
C LYS C 6 -25.12 -18.94 17.62
N LEU C 7 -24.36 -19.99 17.96
CA LEU C 7 -22.92 -19.96 17.79
C LEU C 7 -22.65 -19.78 16.31
N LEU C 8 -23.08 -20.76 15.53
CA LEU C 8 -22.92 -20.73 14.07
C LEU C 8 -23.27 -19.39 13.43
N ALA C 9 -24.33 -18.74 13.91
CA ALA C 9 -24.68 -17.41 13.46
C ALA C 9 -23.53 -16.45 13.77
N GLU C 10 -23.10 -16.45 15.02
CA GLU C 10 -21.97 -15.66 15.46
C GLU C 10 -20.79 -15.79 14.49
N LEU C 11 -20.41 -17.03 14.19
CA LEU C 11 -19.32 -17.29 13.26
C LEU C 11 -19.56 -16.73 11.86
N GLU C 12 -20.73 -17.00 11.27
CA GLU C 12 -21.04 -16.52 9.93
C GLU C 12 -20.78 -15.01 9.80
N GLY C 13 -21.21 -14.25 10.82
CA GLY C 13 -21.05 -12.81 10.80
C GLY C 13 -19.61 -12.32 10.90
N LYS C 14 -18.88 -12.90 11.85
CA LYS C 14 -17.47 -12.61 11.96
C LYS C 14 -16.78 -12.92 10.64
N LEU C 15 -17.03 -14.12 10.12
CA LEU C 15 -16.45 -14.48 8.84
C LEU C 15 -16.72 -13.45 7.74
N ARG C 16 -17.92 -12.84 7.71
CA ARG C 16 -18.21 -11.81 6.72
C ARG C 16 -17.26 -10.64 6.92
N VAL C 17 -16.97 -10.30 8.18
CA VAL C 17 -16.11 -9.16 8.47
C VAL C 17 -14.72 -9.46 8.00
N PHE C 18 -14.25 -10.66 8.34
CA PHE C 18 -12.94 -11.09 7.91
C PHE C 18 -12.79 -11.07 6.40
N GLU C 19 -13.81 -11.55 5.69
CA GLU C 19 -13.68 -11.62 4.24
C GLU C 19 -13.69 -10.21 3.63
N ASN C 20 -14.45 -9.28 4.22
CA ASN C 20 -14.44 -7.92 3.72
C ASN C 20 -13.11 -7.21 3.99
N ILE C 21 -12.53 -7.44 5.18
CA ILE C 21 -11.29 -6.78 5.51
C ILE C 21 -10.26 -7.26 4.53
N VAL C 22 -10.19 -8.57 4.36
CA VAL C 22 -9.27 -9.15 3.39
C VAL C 22 -9.44 -8.60 1.94
N ALA C 23 -10.67 -8.33 1.54
CA ALA C 23 -10.95 -7.66 0.27
C ALA C 23 -10.16 -6.34 0.15
N VAL C 24 -10.32 -5.53 1.18
CA VAL C 24 -9.66 -4.26 1.29
C VAL C 24 -8.14 -4.44 1.27
N LEU C 25 -7.64 -5.33 2.12
CA LEU C 25 -6.21 -5.64 2.15
C LEU C 25 -5.72 -6.04 0.77
N ASN C 26 -6.50 -6.89 0.12
CA ASN C 26 -6.22 -7.28 -1.25
C ASN C 26 -6.04 -6.05 -2.15
N LYS C 27 -6.98 -5.10 -2.05
CA LYS C 27 -6.88 -3.85 -2.81
C LYS C 27 -5.63 -3.06 -2.48
N GLU C 28 -5.28 -3.02 -1.20
CA GLU C 28 -4.12 -2.26 -0.76
C GLU C 28 -2.86 -2.80 -1.40
N VAL C 29 -2.67 -4.11 -1.29
CA VAL C 29 -1.53 -4.79 -1.87
C VAL C 29 -1.39 -4.48 -3.38
N GLU C 30 -2.53 -4.32 -4.06
CA GLU C 30 -2.53 -4.13 -5.49
C GLU C 30 -2.03 -2.74 -5.90
N ALA C 31 -2.58 -1.71 -5.26
CA ALA C 31 -2.12 -0.34 -5.41
C ALA C 31 -0.60 -0.23 -5.17
N SER C 32 -0.09 -1.01 -4.21
CA SER C 32 1.34 -1.06 -3.90
C SER C 32 2.10 -1.59 -5.09
N HIS C 33 1.58 -2.68 -5.65
CA HIS C 33 2.18 -3.36 -6.80
C HIS C 33 2.25 -2.44 -8.02
N LEU C 34 1.19 -1.68 -8.24
CA LEU C 34 1.13 -0.74 -9.35
C LEU C 34 2.09 0.46 -9.15
N ALA C 35 2.06 1.06 -7.97
CA ALA C 35 2.96 2.15 -7.65
C ALA C 35 4.37 1.68 -7.89
N LEU C 36 4.64 0.46 -7.43
CA LEU C 36 5.94 -0.16 -7.54
C LEU C 36 6.37 -0.43 -8.99
N ALA C 37 5.52 -1.11 -9.74
CA ALA C 37 5.83 -1.52 -11.11
C ALA C 37 6.06 -0.32 -12.01
N THR C 38 5.44 0.78 -11.60
CA THR C 38 5.58 2.06 -12.27
C THR C 38 6.94 2.64 -11.95
N SER C 39 7.28 2.71 -10.67
CA SER C 39 8.59 3.16 -10.24
C SER C 39 9.71 2.36 -10.89
N ILE C 40 9.54 1.06 -10.92
CA ILE C 40 10.55 0.19 -11.52
C ILE C 40 10.72 0.43 -13.04
N HIS C 41 9.63 0.78 -13.72
CA HIS C 41 9.64 1.06 -15.15
C HIS C 41 10.37 2.36 -15.50
N GLN C 42 10.05 3.41 -14.76
CA GLN C 42 10.66 4.71 -15.03
C GLN C 42 12.15 4.63 -14.77
N SER C 43 12.54 3.68 -13.92
CA SER C 43 13.94 3.56 -13.53
C SER C 43 14.75 2.75 -14.56
N GLN C 44 14.08 2.17 -15.56
CA GLN C 44 14.80 1.54 -16.67
C GLN C 44 15.20 2.62 -17.68
N LEU C 45 14.27 3.51 -17.97
CA LEU C 45 14.52 4.68 -18.81
C LEU C 45 15.55 5.56 -18.14
N ASP C 46 15.56 5.53 -16.81
CA ASP C 46 16.48 6.31 -16.01
C ASP C 46 17.92 5.77 -16.07
N ARG C 47 18.08 4.45 -16.14
CA ARG C 47 19.40 3.84 -16.33
C ARG C 47 19.93 4.07 -17.75
N GLU C 48 19.02 4.35 -18.69
CA GLU C 48 19.41 4.71 -20.06
C GLU C 48 20.03 6.10 -20.11
N ARG C 49 19.33 7.06 -19.49
CA ARG C 49 19.85 8.41 -19.33
C ARG C 49 21.21 8.38 -18.60
N ILE C 50 21.34 7.51 -17.60
CA ILE C 50 22.61 7.36 -16.89
C ILE C 50 23.73 6.92 -17.84
N LEU C 51 23.52 5.88 -18.60
CA LEU C 51 24.57 5.40 -19.45
C LEU C 51 24.89 6.37 -20.55
N SER C 52 23.88 7.07 -21.02
CA SER C 52 24.08 8.17 -21.96
C SER C 52 24.96 9.26 -21.33
N LEU C 53 24.63 9.64 -20.09
CA LEU C 53 25.41 10.63 -19.36
C LEU C 53 26.84 10.18 -19.11
N GLU C 54 27.07 8.91 -18.84
CA GLU C 54 28.45 8.46 -18.66
C GLU C 54 29.23 8.65 -19.94
N GLN C 55 28.62 8.30 -21.08
CA GLN C 55 29.27 8.40 -22.37
C GLN C 55 29.55 9.86 -22.70
N ARG C 56 28.50 10.70 -22.64
CA ARG C 56 28.69 12.14 -22.81
C ARG C 56 29.81 12.69 -21.98
N VAL C 57 29.92 12.19 -20.74
CA VAL C 57 30.92 12.66 -19.77
C VAL C 57 32.33 12.14 -20.04
N VAL C 58 32.44 10.88 -20.43
CA VAL C 58 33.71 10.35 -20.88
C VAL C 58 34.24 11.17 -22.07
N GLU C 59 33.33 11.55 -22.98
CA GLU C 59 33.67 12.41 -24.10
C GLU C 59 34.35 13.69 -23.62
N LEU C 60 33.73 14.35 -22.66
CA LEU C 60 34.28 15.58 -22.11
C LEU C 60 35.63 15.37 -21.45
N GLN C 61 35.80 14.23 -20.78
CA GLN C 61 37.10 13.91 -20.17
C GLN C 61 38.22 13.87 -21.22
N GLN C 62 37.88 13.40 -22.42
CA GLN C 62 38.89 13.12 -23.44
C GLN C 62 39.15 14.25 -24.45
N THR C 63 38.30 15.27 -24.46
CA THR C 63 38.66 16.51 -25.13
C THR C 63 39.01 17.57 -24.09
N LEU C 64 39.85 17.17 -23.14
CA LEU C 64 40.45 18.07 -22.15
C LEU C 64 41.90 17.68 -21.94
N MET D 1 -11.23 -10.35 19.91
CA MET D 1 -11.98 -9.58 18.93
C MET D 1 -11.06 -8.59 18.19
N LEU D 2 -11.50 -8.16 17.01
CA LEU D 2 -10.72 -7.27 16.14
C LEU D 2 -10.99 -5.82 16.50
N SER D 3 -10.06 -4.93 16.15
CA SER D 3 -10.20 -3.54 16.55
C SER D 3 -11.36 -2.84 15.86
N CYS D 4 -11.91 -1.84 16.52
CA CYS D 4 -12.94 -1.02 15.91
C CYS D 4 -12.48 -0.42 14.60
N GLU D 5 -11.20 -0.04 14.51
CA GLU D 5 -10.62 0.40 13.23
C GLU D 5 -10.76 -0.64 12.09
N LEU D 6 -10.39 -1.89 12.38
CA LEU D 6 -10.55 -2.97 11.40
C LEU D 6 -12.01 -3.20 10.98
N TYR D 7 -12.91 -3.24 11.95
CA TYR D 7 -14.32 -3.36 11.66
C TYR D 7 -14.81 -2.21 10.79
N ARG D 8 -14.29 -1.02 11.04
CA ARG D 8 -14.55 0.14 10.17
C ARG D 8 -13.96 -0.07 8.78
N MET D 9 -12.76 -0.63 8.71
CA MET D 9 -12.12 -0.88 7.43
C MET D 9 -12.95 -1.85 6.59
N SER D 10 -13.40 -2.93 7.20
CA SER D 10 -14.16 -3.96 6.51
C SER D 10 -15.37 -3.40 5.75
N THR D 11 -15.72 -2.14 6.01
CA THR D 11 -16.85 -1.52 5.30
C THR D 11 -16.46 -0.96 3.93
N TYR D 12 -15.23 -1.24 3.53
CA TYR D 12 -14.67 -0.61 2.34
C TYR D 12 -14.43 -1.57 1.15
N SER D 13 -15.05 -2.75 1.21
CA SER D 13 -14.82 -3.76 0.19
C SER D 13 -15.34 -3.28 -1.16
N THR D 14 -16.29 -2.35 -1.11
CA THR D 14 -17.04 -1.90 -2.28
C THR D 14 -16.74 -0.44 -2.63
N PHE D 15 -15.58 0.01 -2.14
CA PHE D 15 -15.08 1.38 -2.32
C PHE D 15 -14.58 1.52 -3.76
N PRO D 16 -14.85 2.67 -4.41
CA PRO D 16 -14.42 2.86 -5.81
C PRO D 16 -12.91 2.92 -6.00
N ALA D 17 -12.44 2.60 -7.20
CA ALA D 17 -11.03 2.85 -7.51
C ALA D 17 -10.85 4.28 -8.05
N GLY D 18 -9.62 4.77 -7.99
CA GLY D 18 -9.31 6.11 -8.48
C GLY D 18 -9.27 7.17 -7.40
N VAL D 19 -9.77 6.82 -6.22
CA VAL D 19 -9.80 7.75 -5.10
C VAL D 19 -8.39 7.91 -4.49
N PRO D 20 -7.95 9.18 -4.40
CA PRO D 20 -6.58 9.56 -4.00
C PRO D 20 -6.22 9.24 -2.55
N VAL D 21 -7.13 8.66 -1.78
CA VAL D 21 -6.81 8.29 -0.40
C VAL D 21 -7.22 6.87 -0.03
N SER D 22 -6.38 6.24 0.78
CA SER D 22 -6.49 4.81 1.06
C SER D 22 -7.64 4.56 2.01
N GLU D 23 -8.31 3.41 1.87
CA GLU D 23 -9.37 3.08 2.79
C GLU D 23 -8.80 2.92 4.17
N ARG D 24 -7.49 2.74 4.25
CA ARG D 24 -6.82 2.56 5.53
C ARG D 24 -6.83 3.80 6.40
N SER D 25 -6.37 4.91 5.87
CA SER D 25 -6.29 6.14 6.66
C SER D 25 -7.68 6.75 6.87
N LEU D 26 -8.61 6.34 6.00
CA LEU D 26 -10.01 6.74 6.10
C LEU D 26 -10.68 6.10 7.30
N ALA D 27 -10.42 4.81 7.47
CA ALA D 27 -10.85 4.07 8.63
C ALA D 27 -10.12 4.53 9.94
N ARG D 28 -8.81 4.70 9.87
CA ARG D 28 -8.03 5.18 11.01
C ARG D 28 -8.48 6.56 11.48
N ALA D 29 -9.03 7.34 10.54
CA ALA D 29 -9.57 8.66 10.82
C ALA D 29 -10.99 8.62 11.39
N GLY D 30 -11.51 7.42 11.60
CA GLY D 30 -12.80 7.24 12.26
C GLY D 30 -14.03 7.15 11.36
N PHE D 31 -13.82 7.04 10.05
CA PHE D 31 -14.93 7.00 9.11
C PHE D 31 -15.21 5.59 8.59
N TYR D 32 -16.49 5.25 8.43
CA TYR D 32 -16.84 4.02 7.71
C TYR D 32 -17.40 4.41 6.33
N TYR D 33 -17.34 3.50 5.37
CA TYR D 33 -17.90 3.76 4.03
C TYR D 33 -19.44 3.71 3.98
N THR D 34 -20.04 4.80 3.47
CA THR D 34 -21.50 4.94 3.44
C THR D 34 -22.17 4.12 2.32
N GLY D 35 -21.34 3.54 1.45
CA GLY D 35 -21.79 2.72 0.34
C GLY D 35 -22.07 3.52 -0.92
N VAL D 36 -22.08 4.84 -0.77
CA VAL D 36 -22.41 5.74 -1.86
C VAL D 36 -21.19 6.48 -2.31
N ASN D 37 -20.85 6.33 -3.59
CA ASN D 37 -19.65 6.97 -4.17
C ASN D 37 -18.34 6.81 -3.39
N ASP D 38 -17.69 7.93 -3.04
CA ASP D 38 -16.51 7.87 -2.16
C ASP D 38 -16.80 8.46 -0.77
N LYS D 39 -18.07 8.41 -0.39
CA LYS D 39 -18.60 9.06 0.81
C LYS D 39 -18.46 8.19 2.08
N VAL D 40 -17.90 8.78 3.12
CA VAL D 40 -17.69 8.08 4.38
C VAL D 40 -18.38 8.85 5.51
N LYS D 41 -18.40 8.27 6.70
CA LYS D 41 -19.13 8.84 7.82
C LYS D 41 -18.44 8.49 9.14
N CYS D 42 -18.29 9.50 10.02
CA CYS D 42 -17.83 9.23 11.37
C CYS D 42 -18.94 8.57 12.18
N PHE D 43 -18.67 7.37 12.68
CA PHE D 43 -19.65 6.63 13.48
C PHE D 43 -20.16 7.51 14.62
N CYS D 44 -19.27 8.38 15.08
CA CYS D 44 -19.41 9.07 16.35
C CYS D 44 -20.12 10.43 16.22
N CYS D 45 -19.48 11.41 15.57
CA CYS D 45 -20.11 12.72 15.40
C CYS D 45 -21.07 12.75 14.20
N GLY D 46 -20.83 11.86 13.23
CA GLY D 46 -21.69 11.77 12.07
C GLY D 46 -21.33 12.70 10.93
N LEU D 47 -20.15 13.30 11.01
CA LEU D 47 -19.64 14.09 9.90
C LEU D 47 -19.54 13.18 8.67
N MET D 48 -20.12 13.63 7.56
CA MET D 48 -19.99 12.94 6.27
C MET D 48 -19.11 13.74 5.33
N LEU D 49 -18.20 13.06 4.62
CA LEU D 49 -17.28 13.71 3.67
C LEU D 49 -17.15 12.94 2.35
N ASP D 50 -17.01 13.67 1.24
CA ASP D 50 -16.82 13.04 -0.08
C ASP D 50 -15.88 13.85 -0.96
N ASN D 51 -15.84 13.52 -2.25
CA ASN D 51 -14.89 14.12 -3.20
C ASN D 51 -13.53 14.38 -2.55
N TRP D 52 -12.69 13.35 -2.51
CA TRP D 52 -11.37 13.44 -1.89
C TRP D 52 -10.30 13.76 -2.93
N LYS D 53 -9.61 14.90 -2.75
CA LYS D 53 -8.58 15.30 -3.71
C LYS D 53 -7.22 14.66 -3.39
N ARG D 54 -6.33 14.65 -4.38
CA ARG D 54 -5.02 14.04 -4.21
C ARG D 54 -4.29 14.64 -3.01
N GLY D 55 -3.81 13.78 -2.11
CA GLY D 55 -3.04 14.21 -0.97
C GLY D 55 -3.80 14.78 0.21
N ASP D 56 -5.11 14.50 0.29
CA ASP D 56 -5.93 14.93 1.42
C ASP D 56 -5.52 14.23 2.72
N SER D 57 -5.77 14.89 3.86
CA SER D 57 -5.55 14.24 5.15
C SER D 57 -6.88 14.05 5.89
N PRO D 58 -7.36 12.80 5.94
CA PRO D 58 -8.67 12.40 6.46
C PRO D 58 -8.80 12.78 7.93
N THR D 59 -7.70 12.56 8.65
CA THR D 59 -7.57 12.92 10.05
C THR D 59 -7.73 14.44 10.25
N GLU D 60 -6.87 15.22 9.58
CA GLU D 60 -6.93 16.68 9.70
C GLU D 60 -8.31 17.23 9.34
N LYS D 61 -8.91 16.74 8.26
CA LYS D 61 -10.26 17.16 7.88
C LYS D 61 -11.35 16.81 8.90
N HIS D 62 -11.09 15.81 9.74
CA HIS D 62 -12.04 15.42 10.79
C HIS D 62 -11.90 16.31 12.00
N LYS D 63 -10.67 16.66 12.35
CA LYS D 63 -10.39 17.57 13.46
C LYS D 63 -10.90 18.98 13.15
N LYS D 64 -10.71 19.42 11.90
CA LYS D 64 -11.09 20.77 11.47
C LYS D 64 -12.60 21.01 11.36
N LEU D 65 -13.30 20.09 10.70
CA LEU D 65 -14.71 20.26 10.40
C LEU D 65 -15.67 19.83 11.53
N TYR D 66 -15.11 19.32 12.63
CA TYR D 66 -15.90 18.84 13.78
C TYR D 66 -15.05 18.52 15.01
N PRO D 67 -14.39 19.54 15.59
CA PRO D 67 -13.41 19.38 16.67
C PRO D 67 -14.06 18.82 17.93
N SER D 68 -15.39 18.83 17.89
CA SER D 68 -16.20 18.41 19.02
C SER D 68 -16.36 16.87 19.11
N CYS D 69 -15.98 16.17 18.06
CA CYS D 69 -16.19 14.74 18.01
C CYS D 69 -15.44 14.03 19.11
N ARG D 70 -16.15 13.28 19.92
CA ARG D 70 -15.54 12.48 20.98
C ARG D 70 -14.41 11.61 20.45
N PHE D 71 -14.62 11.01 19.28
CA PHE D 71 -13.59 10.15 18.68
C PHE D 71 -12.38 10.97 18.24
N VAL D 72 -12.65 12.02 17.49
CA VAL D 72 -11.61 12.83 16.91
C VAL D 72 -10.78 13.50 18.01
N GLN D 73 -11.30 13.50 19.24
CA GLN D 73 -10.54 14.02 20.37
C GLN D 73 -9.55 13.02 20.99
N SER D 74 -9.83 11.73 20.87
CA SER D 74 -8.92 10.69 21.35
C SER D 74 -7.82 10.39 20.32
N LEU D 75 -8.14 10.60 19.06
CA LEU D 75 -7.20 10.36 17.98
C LEU D 75 -6.18 11.48 17.97
#